data_5T06
#
_entry.id   5T06
#
_cell.length_a   63.747
_cell.length_b   96.772
_cell.length_c   97.610
_cell.angle_alpha   90.000
_cell.angle_beta   90.000
_cell.angle_gamma   90.000
#
_symmetry.space_group_name_H-M   'P 21 21 21'
#
loop_
_entity.id
_entity.type
_entity.pdbx_description
1 polymer 'Acyl-CoA thioester hydrolase YbgC'
2 non-polymer 1,2-ETHANEDIOL
3 non-polymer 'HEXANOYL-COENZYME A'
4 water water
#
_entity_poly.entity_id   1
_entity_poly.type   'polypeptide(L)'
_entity_poly.pdbx_seq_one_letter_code
;VNTTLFRWPVRVYYEDTAAGGVVYHASYVAFYERARTEMLRHHHFSQQALMAERVAFVVRKMTVEYYAPARLDDMLEIQT
EITSMRGTSLVFTQRIVNAENTLLNEAEVLVVCVDPLKMKPRALPKSIVAEFKQ
;
_entity_poly.pdbx_strand_id   A,B,C,D
#
loop_
_chem_comp.id
_chem_comp.type
_chem_comp.name
_chem_comp.formula
EDO non-polymer 1,2-ETHANEDIOL 'C2 H6 O2'
HXC non-polymer 'HEXANOYL-COENZYME A' 'C27 H46 N7 O17 P3 S'
#
# COMPACT_ATOMS: atom_id res chain seq x y z
N THR A 4 6.41 -23.29 -20.10
CA THR A 4 5.11 -23.58 -19.52
C THR A 4 4.53 -22.35 -18.80
N LEU A 5 3.89 -21.50 -19.59
CA LEU A 5 3.43 -20.21 -19.13
C LEU A 5 2.27 -20.34 -18.16
N PHE A 6 2.19 -19.41 -17.21
CA PHE A 6 1.01 -19.26 -16.36
C PHE A 6 0.46 -17.84 -16.52
N ARG A 7 -0.83 -17.72 -16.78
CA ARG A 7 -1.49 -16.45 -17.02
C ARG A 7 -2.39 -16.08 -15.84
N TRP A 8 -2.37 -14.79 -15.47
CA TRP A 8 -3.15 -14.33 -14.33
C TRP A 8 -3.75 -12.96 -14.63
N PRO A 9 -5.07 -12.82 -14.52
CA PRO A 9 -5.71 -11.52 -14.75
C PRO A 9 -5.72 -10.64 -13.51
N VAL A 10 -5.62 -9.33 -13.74
CA VAL A 10 -5.61 -8.34 -12.66
C VAL A 10 -6.36 -7.10 -13.13
N ARG A 11 -7.38 -6.71 -12.38
CA ARG A 11 -8.13 -5.48 -12.65
C ARG A 11 -7.45 -4.33 -11.91
N VAL A 12 -7.27 -3.21 -12.59
CA VAL A 12 -6.66 -2.02 -11.99
C VAL A 12 -7.73 -1.23 -11.24
N TYR A 13 -7.54 -1.03 -9.94
CA TYR A 13 -8.46 -0.28 -9.10
C TYR A 13 -7.90 1.09 -8.77
N TYR A 14 -8.76 1.95 -8.22
CA TYR A 14 -8.37 3.31 -7.87
C TYR A 14 -7.18 3.32 -6.91
N GLU A 15 -7.11 2.34 -6.01
CA GLU A 15 -5.98 2.26 -5.08
C GLU A 15 -4.64 2.10 -5.79
N ASP A 16 -4.64 1.58 -7.02
CA ASP A 16 -3.40 1.31 -7.74
C ASP A 16 -2.88 2.52 -8.51
N THR A 17 -3.72 3.55 -8.67
CA THR A 17 -3.38 4.71 -9.46
C THR A 17 -2.62 5.73 -8.60
N ALA A 18 -1.96 6.65 -9.27
CA ALA A 18 -1.27 7.74 -8.60
C ALA A 18 -1.70 9.04 -9.24
N ALA A 19 -1.22 10.15 -8.64
CA ALA A 19 -1.65 11.48 -9.04
C ALA A 19 -1.49 11.72 -10.54
N GLY A 20 -0.56 11.04 -11.19
CA GLY A 20 -0.42 11.22 -12.63
C GLY A 20 -1.52 10.62 -13.47
N GLY A 21 -2.48 9.91 -12.88
CA GLY A 21 -3.54 9.27 -13.63
C GLY A 21 -3.24 7.85 -14.10
N VAL A 22 -2.04 7.35 -13.85
CA VAL A 22 -1.63 6.02 -14.30
C VAL A 22 -1.32 5.16 -13.07
N VAL A 23 -1.08 3.87 -13.30
CA VAL A 23 -0.71 2.99 -12.20
C VAL A 23 0.64 3.39 -11.62
N TYR A 24 0.71 3.42 -10.29
CA TYR A 24 1.95 3.72 -9.58
C TYR A 24 3.01 2.67 -9.89
N HIS A 25 4.26 3.10 -10.10
CA HIS A 25 5.25 2.17 -10.62
C HIS A 25 5.53 1.02 -9.68
N ALA A 26 5.38 1.22 -8.35
CA ALA A 26 5.55 0.12 -7.41
C ALA A 26 4.35 -0.84 -7.38
N SER A 27 3.18 -0.40 -7.86
CA SER A 27 2.02 -1.30 -7.89
C SER A 27 2.25 -2.47 -8.85
N TYR A 28 2.90 -2.22 -9.99
CA TYR A 28 3.26 -3.32 -10.90
C TYR A 28 4.05 -4.39 -10.16
N VAL A 29 4.97 -3.98 -9.29
CA VAL A 29 5.76 -4.93 -8.51
C VAL A 29 4.86 -5.85 -7.70
N ALA A 30 3.83 -5.28 -7.06
CA ALA A 30 2.85 -6.11 -6.35
C ALA A 30 2.07 -7.01 -7.30
N PHE A 31 1.67 -6.48 -8.47
CA PHE A 31 0.96 -7.32 -9.44
C PHE A 31 1.78 -8.54 -9.80
N TYR A 32 3.08 -8.35 -10.00
CA TYR A 32 3.94 -9.47 -10.35
C TYR A 32 3.99 -10.49 -9.23
N GLU A 33 4.08 -10.03 -7.98
CA GLU A 33 4.06 -10.95 -6.84
C GLU A 33 2.77 -11.77 -6.82
N ARG A 34 1.62 -11.12 -7.01
CA ARG A 34 0.36 -11.86 -7.03
C ARG A 34 0.41 -13.00 -8.04
N ALA A 35 0.96 -12.74 -9.22
CA ALA A 35 0.97 -13.77 -10.27
C ALA A 35 1.90 -14.92 -9.88
N ARG A 36 3.04 -14.63 -9.25
CA ARG A 36 3.90 -15.74 -8.80
C ARG A 36 3.18 -16.58 -7.75
N THR A 37 2.49 -15.92 -6.83
CA THR A 37 1.72 -16.63 -5.82
C THR A 37 0.62 -17.49 -6.44
N GLU A 38 -0.06 -16.96 -7.46
CA GLU A 38 -1.13 -17.73 -8.10
C GLU A 38 -0.57 -18.88 -8.92
N MET A 39 0.61 -18.71 -9.51
CA MET A 39 1.26 -19.82 -10.20
C MET A 39 1.57 -20.95 -9.22
N LEU A 40 2.13 -20.61 -8.06
CA LEU A 40 2.35 -21.63 -7.04
C LEU A 40 1.02 -22.27 -6.61
N ARG A 41 -0.03 -21.46 -6.45
CA ARG A 41 -1.31 -22.00 -5.99
C ARG A 41 -1.91 -22.96 -7.00
N HIS A 42 -1.76 -22.64 -8.30
CA HIS A 42 -2.25 -23.51 -9.36
C HIS A 42 -1.55 -24.87 -9.36
N HIS A 43 -0.31 -24.91 -8.85
CA HIS A 43 0.46 -26.13 -8.71
C HIS A 43 0.43 -26.68 -7.29
N HIS A 44 -0.53 -26.22 -6.48
CA HIS A 44 -0.97 -26.81 -5.22
C HIS A 44 -0.05 -26.47 -4.05
N PHE A 45 0.52 -25.27 -4.05
CA PHE A 45 1.38 -24.80 -2.97
C PHE A 45 0.83 -23.51 -2.40
N SER A 46 0.71 -23.46 -1.06
CA SER A 46 0.24 -22.29 -0.31
C SER A 46 1.40 -21.76 0.53
N GLN A 47 1.71 -20.47 0.38
CA GLN A 47 2.82 -19.90 1.13
C GLN A 47 2.46 -19.72 2.61
N GLN A 48 1.18 -19.54 2.92
CA GLN A 48 0.79 -19.54 4.33
C GLN A 48 1.01 -20.91 4.97
N ALA A 49 0.67 -21.98 4.26
CA ALA A 49 0.94 -23.32 4.77
C ALA A 49 2.44 -23.59 4.84
N LEU A 50 3.20 -23.15 3.84
CA LEU A 50 4.64 -23.41 3.85
C LEU A 50 5.31 -22.70 5.01
N MET A 51 4.84 -21.50 5.34
CA MET A 51 5.39 -20.76 6.49
C MET A 51 5.38 -21.62 7.75
N ALA A 52 4.31 -22.37 7.96
CA ALA A 52 4.22 -23.23 9.14
C ALA A 52 5.26 -24.35 9.11
N GLU A 53 5.72 -24.72 7.92
CA GLU A 53 6.79 -25.68 7.76
C GLU A 53 8.16 -25.03 7.72
N ARG A 54 8.25 -23.76 8.10
CA ARG A 54 9.51 -23.00 8.05
C ARG A 54 10.11 -23.00 6.64
N VAL A 55 9.25 -22.77 5.64
CA VAL A 55 9.64 -22.58 4.25
C VAL A 55 9.02 -21.27 3.76
N ALA A 56 9.85 -20.39 3.20
CA ALA A 56 9.34 -19.15 2.61
C ALA A 56 10.18 -18.80 1.39
N PHE A 57 9.67 -17.87 0.58
CA PHE A 57 10.37 -17.39 -0.60
C PHE A 57 10.53 -15.89 -0.53
N VAL A 58 11.76 -15.40 -0.74
CA VAL A 58 12.01 -13.96 -0.72
C VAL A 58 12.65 -13.53 -2.02
N VAL A 59 12.41 -12.28 -2.41
CA VAL A 59 13.04 -11.73 -3.60
C VAL A 59 14.47 -11.34 -3.25
N ARG A 60 15.42 -11.80 -4.06
CA ARG A 60 16.82 -11.46 -3.92
C ARG A 60 17.28 -10.40 -4.92
N LYS A 61 16.69 -10.40 -6.11
CA LYS A 61 17.07 -9.42 -7.13
C LYS A 61 15.92 -9.28 -8.09
N MET A 62 15.68 -8.06 -8.54
CA MET A 62 14.56 -7.80 -9.43
C MET A 62 14.95 -6.71 -10.43
N THR A 63 14.56 -6.90 -11.69
CA THR A 63 14.72 -5.90 -12.75
C THR A 63 13.34 -5.72 -13.36
N VAL A 64 12.91 -4.47 -13.51
CA VAL A 64 11.62 -4.13 -14.11
C VAL A 64 11.86 -3.08 -15.18
N GLU A 65 11.20 -3.24 -16.32
CA GLU A 65 11.29 -2.28 -17.40
C GLU A 65 9.88 -1.83 -17.75
N TYR A 66 9.67 -0.51 -17.81
CA TYR A 66 8.35 0.08 -17.96
C TYR A 66 8.24 0.63 -19.38
N TYR A 67 7.35 0.06 -20.18
CA TYR A 67 7.20 0.51 -21.56
C TYR A 67 5.99 1.42 -21.77
N ALA A 68 4.86 1.10 -21.16
CA ALA A 68 3.64 1.87 -21.39
C ALA A 68 2.75 1.71 -20.18
N PRO A 69 1.88 2.69 -19.91
CA PRO A 69 1.15 2.68 -18.65
C PRO A 69 -0.13 1.84 -18.69
N ALA A 70 -0.51 1.38 -17.50
CA ALA A 70 -1.86 0.89 -17.23
C ALA A 70 -2.65 2.02 -16.58
N ARG A 71 -3.97 1.97 -16.73
CA ARG A 71 -4.82 3.01 -16.21
C ARG A 71 -6.00 2.39 -15.49
N LEU A 72 -6.72 3.25 -14.76
CA LEU A 72 -7.87 2.85 -13.97
C LEU A 72 -8.85 2.02 -14.79
N ASP A 73 -9.26 0.88 -14.23
CA ASP A 73 -10.24 -0.06 -14.75
C ASP A 73 -9.69 -0.94 -15.89
N ASP A 74 -8.41 -0.82 -16.26
CA ASP A 74 -7.82 -1.76 -17.21
C ASP A 74 -7.86 -3.17 -16.64
N MET A 75 -8.19 -4.15 -17.50
CA MET A 75 -8.01 -5.56 -17.17
C MET A 75 -6.69 -6.02 -17.77
N LEU A 76 -5.73 -6.37 -16.91
CA LEU A 76 -4.39 -6.75 -17.34
C LEU A 76 -4.25 -8.25 -17.32
N GLU A 77 -3.26 -8.75 -18.05
CA GLU A 77 -2.86 -10.15 -17.88
C GLU A 77 -1.38 -10.19 -17.54
N ILE A 78 -1.06 -10.78 -16.38
CA ILE A 78 0.33 -11.04 -16.01
C ILE A 78 0.69 -12.41 -16.54
N GLN A 79 1.86 -12.50 -17.18
CA GLN A 79 2.35 -13.74 -17.76
C GLN A 79 3.65 -14.11 -17.06
N THR A 80 3.78 -15.37 -16.67
CA THR A 80 4.83 -15.79 -15.75
C THR A 80 5.37 -17.15 -16.19
N GLU A 81 6.69 -17.27 -16.22
CA GLU A 81 7.38 -18.54 -16.44
C GLU A 81 8.49 -18.69 -15.42
N ILE A 82 8.78 -19.92 -15.03
CA ILE A 82 10.00 -20.20 -14.28
C ILE A 82 11.06 -20.58 -15.31
N THR A 83 12.10 -19.75 -15.42
CA THR A 83 13.11 -19.98 -16.45
C THR A 83 14.41 -20.58 -15.92
N SER A 84 14.64 -20.58 -14.61
CA SER A 84 15.79 -21.25 -13.99
C SER A 84 15.35 -21.80 -12.64
N MET A 85 15.91 -22.95 -12.25
CA MET A 85 15.63 -23.54 -10.94
C MET A 85 16.81 -24.37 -10.52
N ARG A 86 17.44 -23.99 -9.41
CA ARG A 86 18.62 -24.73 -8.97
C ARG A 86 18.92 -24.44 -7.51
N GLY A 87 19.28 -25.49 -6.77
CA GLY A 87 19.66 -25.38 -5.38
C GLY A 87 18.60 -24.78 -4.49
N THR A 88 18.81 -23.52 -4.10
CA THR A 88 17.90 -22.78 -3.23
C THR A 88 17.00 -21.80 -3.97
N SER A 89 17.10 -21.71 -5.30
CA SER A 89 16.65 -20.49 -5.97
C SER A 89 15.88 -20.80 -7.25
N LEU A 90 15.04 -19.85 -7.63
CA LEU A 90 14.25 -19.88 -8.87
C LEU A 90 14.34 -18.52 -9.55
N VAL A 91 14.32 -18.51 -10.87
CA VAL A 91 14.18 -17.27 -11.63
C VAL A 91 12.82 -17.27 -12.30
N PHE A 92 12.03 -16.23 -12.03
CA PHE A 92 10.76 -15.99 -12.70
C PHE A 92 10.95 -14.93 -13.77
N THR A 93 10.44 -15.19 -14.97
CA THR A 93 10.45 -14.19 -16.03
C THR A 93 9.00 -13.82 -16.28
N GLN A 94 8.69 -12.51 -16.23
CA GLN A 94 7.29 -12.08 -16.17
C GLN A 94 7.06 -10.89 -17.09
N ARG A 95 5.81 -10.72 -17.52
CA ARG A 95 5.43 -9.56 -18.34
C ARG A 95 3.96 -9.23 -18.12
N ILE A 96 3.59 -8.01 -18.49
CA ILE A 96 2.24 -7.51 -18.31
C ILE A 96 1.75 -6.95 -19.65
N VAL A 97 0.62 -7.45 -20.12
CA VAL A 97 -0.06 -6.92 -21.30
C VAL A 97 -1.44 -6.40 -20.88
N ASN A 98 -1.96 -5.46 -21.65
CA ASN A 98 -3.30 -4.97 -21.38
C ASN A 98 -4.29 -5.72 -22.27
N ALA A 99 -5.56 -5.29 -22.24
CA ALA A 99 -6.62 -6.03 -22.92
C ALA A 99 -6.46 -6.05 -24.43
N GLU A 100 -5.76 -5.07 -24.99
CA GLU A 100 -5.48 -5.05 -26.42
C GLU A 100 -4.18 -5.78 -26.78
N ASN A 101 -3.57 -6.45 -25.80
CA ASN A 101 -2.32 -7.23 -25.92
C ASN A 101 -1.10 -6.33 -26.10
N THR A 102 -1.20 -5.06 -25.72
CA THR A 102 -0.04 -4.17 -25.72
C THR A 102 0.88 -4.53 -24.57
N LEU A 103 2.18 -4.67 -24.86
CA LEU A 103 3.16 -4.99 -23.83
C LEU A 103 3.41 -3.75 -22.97
N LEU A 104 3.04 -3.82 -21.69
CA LEU A 104 3.18 -2.70 -20.79
C LEU A 104 4.49 -2.71 -20.03
N ASN A 105 4.95 -3.89 -19.64
CA ASN A 105 5.92 -4.02 -18.56
C ASN A 105 6.55 -5.40 -18.63
N GLU A 106 7.84 -5.49 -18.24
CA GLU A 106 8.51 -6.79 -18.14
C GLU A 106 9.38 -6.81 -16.89
N ALA A 107 9.50 -7.99 -16.29
CA ALA A 107 10.31 -8.12 -15.08
C ALA A 107 10.99 -9.49 -15.04
N GLU A 108 12.13 -9.53 -14.35
CA GLU A 108 12.85 -10.76 -14.07
C GLU A 108 13.16 -10.75 -12.59
N VAL A 109 12.81 -11.85 -11.89
CA VAL A 109 12.86 -11.89 -10.43
C VAL A 109 13.64 -13.14 -9.99
N LEU A 110 14.73 -12.92 -9.26
CA LEU A 110 15.45 -14.01 -8.59
C LEU A 110 14.87 -14.21 -7.20
N VAL A 111 14.34 -15.40 -6.94
CA VAL A 111 13.67 -15.71 -5.69
C VAL A 111 14.46 -16.80 -4.97
N VAL A 112 14.63 -16.65 -3.66
CA VAL A 112 15.43 -17.58 -2.86
C VAL A 112 14.54 -18.20 -1.80
N CYS A 113 14.64 -19.52 -1.64
CA CYS A 113 13.94 -20.24 -0.59
C CYS A 113 14.70 -20.08 0.73
N VAL A 114 13.99 -19.68 1.81
CA VAL A 114 14.59 -19.48 3.13
C VAL A 114 13.80 -20.18 4.23
N ASP A 115 14.49 -20.45 5.35
CA ASP A 115 13.80 -20.69 6.62
C ASP A 115 13.46 -19.32 7.19
N PRO A 116 12.18 -18.95 7.30
CA PRO A 116 11.82 -17.59 7.71
C PRO A 116 12.18 -17.27 9.14
N LEU A 117 12.30 -18.28 10.00
CA LEU A 117 12.69 -18.02 11.38
C LEU A 117 14.07 -17.40 11.45
N LYS A 118 15.01 -17.91 10.66
CA LYS A 118 16.37 -17.39 10.62
C LYS A 118 16.66 -16.54 9.40
N MET A 119 15.77 -16.52 8.40
CA MET A 119 16.02 -15.84 7.13
C MET A 119 17.35 -16.32 6.54
N LYS A 120 17.55 -17.64 6.52
CA LYS A 120 18.71 -18.27 5.93
C LYS A 120 18.27 -19.19 4.80
N PRO A 121 19.01 -19.22 3.69
CA PRO A 121 18.56 -20.00 2.53
C PRO A 121 18.50 -21.49 2.83
N ARG A 122 17.65 -22.18 2.09
CA ARG A 122 17.58 -23.64 2.18
C ARG A 122 17.22 -24.19 0.82
N ALA A 123 17.47 -25.49 0.65
CA ALA A 123 17.13 -26.13 -0.61
C ALA A 123 15.64 -26.00 -0.91
N LEU A 124 15.31 -25.83 -2.18
CA LEU A 124 13.91 -25.87 -2.59
C LEU A 124 13.26 -27.16 -2.11
N PRO A 125 12.02 -27.09 -1.62
CA PRO A 125 11.28 -28.34 -1.31
C PRO A 125 11.27 -29.28 -2.50
N LYS A 126 11.46 -30.58 -2.20
CA LYS A 126 11.54 -31.59 -3.25
C LYS A 126 10.27 -31.61 -4.09
N SER A 127 9.10 -31.39 -3.46
CA SER A 127 7.85 -31.40 -4.20
C SER A 127 7.72 -30.21 -5.13
N ILE A 128 8.35 -29.09 -4.77
CA ILE A 128 8.31 -27.93 -5.66
C ILE A 128 9.21 -28.14 -6.86
N VAL A 129 10.39 -28.72 -6.64
CA VAL A 129 11.28 -29.08 -7.73
C VAL A 129 10.60 -30.06 -8.67
N ALA A 130 9.97 -31.11 -8.10
CA ALA A 130 9.25 -32.08 -8.93
C ALA A 130 8.18 -31.40 -9.76
N GLU A 131 7.53 -30.38 -9.20
CA GLU A 131 6.40 -29.75 -9.86
C GLU A 131 6.83 -28.96 -11.10
N PHE A 132 7.97 -28.28 -11.04
CA PHE A 132 8.35 -27.34 -12.10
C PHE A 132 9.47 -27.87 -12.99
N LYS A 133 9.69 -29.18 -12.96
CA LYS A 133 10.55 -29.95 -13.88
C LYS A 133 11.96 -30.06 -13.31
N THR B 4 -30.57 -5.61 -2.55
CA THR B 4 -30.14 -6.98 -2.78
C THR B 4 -28.62 -7.09 -2.59
N LEU B 5 -28.14 -8.29 -2.25
CA LEU B 5 -26.74 -8.47 -1.86
C LEU B 5 -25.85 -8.71 -3.07
N PHE B 6 -24.79 -7.92 -3.18
CA PHE B 6 -23.75 -8.15 -4.19
C PHE B 6 -22.54 -8.80 -3.53
N ARG B 7 -22.06 -9.90 -4.12
CA ARG B 7 -20.94 -10.64 -3.57
C ARG B 7 -19.71 -10.46 -4.44
N TRP B 8 -18.57 -10.21 -3.80
CA TRP B 8 -17.30 -10.01 -4.50
C TRP B 8 -16.18 -10.80 -3.83
N PRO B 9 -15.51 -11.71 -4.53
CA PRO B 9 -14.41 -12.46 -3.92
C PRO B 9 -13.13 -11.64 -3.89
N VAL B 10 -12.36 -11.78 -2.81
CA VAL B 10 -11.05 -11.12 -2.66
C VAL B 10 -10.07 -12.12 -2.07
N ARG B 11 -8.97 -12.35 -2.78
CA ARG B 11 -7.84 -13.15 -2.26
C ARG B 11 -6.86 -12.26 -1.51
N VAL B 12 -6.37 -12.75 -0.37
CA VAL B 12 -5.38 -12.03 0.44
C VAL B 12 -3.97 -12.38 -0.02
N TYR B 13 -3.18 -11.37 -0.38
CA TYR B 13 -1.78 -11.52 -0.79
C TYR B 13 -0.82 -10.94 0.24
N TYR B 14 0.47 -11.24 0.08
CA TYR B 14 1.48 -10.70 0.99
C TYR B 14 1.36 -9.19 1.16
N GLU B 15 1.07 -8.47 0.08
CA GLU B 15 0.98 -7.02 0.16
C GLU B 15 -0.08 -6.54 1.14
N ASP B 16 -1.07 -7.39 1.43
CA ASP B 16 -2.19 -7.07 2.31
C ASP B 16 -1.88 -7.36 3.76
N THR B 17 -0.87 -8.17 4.03
CA THR B 17 -0.54 -8.63 5.37
C THR B 17 0.50 -7.71 6.00
N ALA B 18 0.66 -7.84 7.32
CA ALA B 18 1.71 -7.16 8.08
C ALA B 18 2.43 -8.16 8.98
N ALA B 19 3.42 -7.65 9.72
CA ALA B 19 4.31 -8.49 10.52
C ALA B 19 3.59 -9.28 11.60
N GLY B 20 2.43 -8.83 12.08
CA GLY B 20 1.70 -9.69 13.00
C GLY B 20 1.19 -11.00 12.38
N GLY B 21 1.32 -11.19 11.08
CA GLY B 21 0.84 -12.40 10.42
C GLY B 21 -0.60 -12.38 9.97
N VAL B 22 -1.26 -11.22 9.99
CA VAL B 22 -2.66 -11.07 9.60
C VAL B 22 -2.78 -9.86 8.70
N VAL B 23 -3.96 -9.69 8.09
CA VAL B 23 -4.16 -8.58 7.18
C VAL B 23 -4.04 -7.25 7.92
N TYR B 24 -3.34 -6.31 7.32
CA TYR B 24 -3.19 -4.96 7.87
C TYR B 24 -4.54 -4.25 7.92
N HIS B 25 -4.82 -3.53 9.01
CA HIS B 25 -6.20 -3.05 9.21
C HIS B 25 -6.63 -2.07 8.13
N ALA B 26 -5.68 -1.32 7.54
CA ALA B 26 -6.05 -0.44 6.45
C ALA B 26 -6.33 -1.18 5.14
N SER B 27 -5.79 -2.39 4.96
CA SER B 27 -6.05 -3.13 3.71
C SER B 27 -7.53 -3.41 3.53
N TYR B 28 -8.26 -3.68 4.62
CA TYR B 28 -9.68 -3.96 4.49
C TYR B 28 -10.42 -2.78 3.86
N VAL B 29 -9.97 -1.56 4.15
CA VAL B 29 -10.62 -0.38 3.57
C VAL B 29 -10.56 -0.43 2.05
N ALA B 30 -9.41 -0.81 1.50
CA ALA B 30 -9.29 -0.97 0.06
C ALA B 30 -10.17 -2.10 -0.46
N PHE B 31 -10.22 -3.25 0.25
CA PHE B 31 -11.10 -4.35 -0.18
C PHE B 31 -12.54 -3.88 -0.32
N TYR B 32 -13.02 -3.13 0.67
CA TYR B 32 -14.39 -2.64 0.62
C TYR B 32 -14.60 -1.74 -0.59
N GLU B 33 -13.61 -0.89 -0.90
CA GLU B 33 -13.78 -0.02 -2.07
C GLU B 33 -13.90 -0.82 -3.35
N ARG B 34 -13.05 -1.85 -3.52
CA ARG B 34 -13.16 -2.67 -4.72
C ARG B 34 -14.56 -3.26 -4.87
N ALA B 35 -15.12 -3.75 -3.77
CA ALA B 35 -16.45 -4.36 -3.85
C ALA B 35 -17.51 -3.34 -4.26
N ARG B 36 -17.45 -2.12 -3.73
CA ARG B 36 -18.41 -1.11 -4.18
C ARG B 36 -18.23 -0.80 -5.66
N THR B 37 -16.97 -0.66 -6.09
CA THR B 37 -16.70 -0.43 -7.51
C THR B 37 -17.28 -1.55 -8.38
N GLU B 38 -17.10 -2.81 -7.96
CA GLU B 38 -17.62 -3.92 -8.74
C GLU B 38 -19.13 -4.04 -8.64
N MET B 39 -19.71 -3.65 -7.50
CA MET B 39 -21.17 -3.58 -7.43
C MET B 39 -21.72 -2.59 -8.45
N LEU B 40 -21.16 -1.37 -8.48
CA LEU B 40 -21.56 -0.42 -9.50
C LEU B 40 -21.35 -0.97 -10.90
N ARG B 41 -20.20 -1.63 -11.13
CA ARG B 41 -19.90 -2.14 -12.47
C ARG B 41 -20.93 -3.20 -12.90
N HIS B 42 -21.40 -3.99 -11.94
CA HIS B 42 -22.40 -5.01 -12.22
C HIS B 42 -23.69 -4.40 -12.74
N HIS B 43 -23.99 -3.17 -12.36
CA HIS B 43 -25.18 -2.47 -12.82
C HIS B 43 -24.86 -1.50 -13.96
N HIS B 44 -23.71 -1.68 -14.61
CA HIS B 44 -23.25 -0.91 -15.76
C HIS B 44 -22.82 0.51 -15.39
N PHE B 45 -22.61 0.78 -14.11
CA PHE B 45 -22.04 2.06 -13.68
C PHE B 45 -20.52 1.93 -13.63
N SER B 46 -19.95 1.77 -14.82
CA SER B 46 -18.50 1.77 -14.94
C SER B 46 -17.96 3.19 -14.75
N GLN B 47 -16.64 3.29 -14.67
CA GLN B 47 -16.02 4.60 -14.64
C GLN B 47 -16.40 5.42 -15.86
N GLN B 48 -16.53 4.76 -17.03
CA GLN B 48 -16.95 5.47 -18.24
C GLN B 48 -18.37 6.02 -18.10
N ALA B 49 -19.29 5.19 -17.61
CA ALA B 49 -20.67 5.66 -17.50
C ALA B 49 -20.79 6.79 -16.48
N LEU B 50 -19.97 6.76 -15.43
CA LEU B 50 -20.04 7.80 -14.41
C LEU B 50 -19.47 9.12 -14.94
N MET B 51 -18.30 9.06 -15.59
CA MET B 51 -17.75 10.27 -16.19
C MET B 51 -18.70 10.84 -17.24
N ALA B 52 -19.45 9.98 -17.93
CA ALA B 52 -20.36 10.45 -18.95
C ALA B 52 -21.48 11.30 -18.35
N GLU B 53 -21.95 10.94 -17.16
CA GLU B 53 -23.01 11.72 -16.52
C GLU B 53 -22.48 12.68 -15.47
N ARG B 54 -21.19 13.02 -15.53
CA ARG B 54 -20.61 14.11 -14.74
C ARG B 54 -20.70 13.82 -13.24
N VAL B 55 -20.27 12.62 -12.86
CA VAL B 55 -20.49 12.16 -11.48
C VAL B 55 -19.26 11.42 -10.99
N ALA B 56 -18.91 11.67 -9.73
CA ALA B 56 -17.94 10.87 -9.01
C ALA B 56 -18.48 10.63 -7.60
N PHE B 57 -17.90 9.66 -6.93
CA PHE B 57 -18.28 9.29 -5.57
C PHE B 57 -17.06 9.40 -4.65
N VAL B 58 -17.27 9.99 -3.48
CA VAL B 58 -16.20 10.12 -2.48
C VAL B 58 -16.73 9.62 -1.15
N VAL B 59 -15.85 9.00 -0.36
CA VAL B 59 -16.22 8.56 0.99
C VAL B 59 -16.26 9.76 1.91
N ARG B 60 -17.41 9.97 2.55
CA ARG B 60 -17.60 11.03 3.53
C ARG B 60 -17.36 10.56 4.96
N LYS B 61 -17.82 9.36 5.29
CA LYS B 61 -17.66 8.82 6.62
C LYS B 61 -17.68 7.29 6.51
N MET B 62 -16.87 6.64 7.34
CA MET B 62 -16.78 5.19 7.28
C MET B 62 -16.53 4.67 8.68
N THR B 63 -17.27 3.64 9.08
CA THR B 63 -17.05 2.95 10.34
C THR B 63 -16.73 1.50 10.05
N VAL B 64 -15.62 1.00 10.57
CA VAL B 64 -15.18 -0.36 10.30
C VAL B 64 -15.08 -1.10 11.64
N GLU B 65 -15.68 -2.28 11.71
CA GLU B 65 -15.63 -3.15 12.88
C GLU B 65 -14.77 -4.37 12.55
N TYR B 66 -13.73 -4.62 13.37
CA TYR B 66 -12.76 -5.69 13.15
C TYR B 66 -13.01 -6.78 14.19
N TYR B 67 -13.58 -7.91 13.74
CA TYR B 67 -13.96 -8.99 14.64
C TYR B 67 -12.91 -10.09 14.73
N ALA B 68 -12.35 -10.49 13.59
CA ALA B 68 -11.38 -11.57 13.55
C ALA B 68 -10.51 -11.39 12.31
N PRO B 69 -9.31 -11.96 12.29
CA PRO B 69 -8.35 -11.67 11.21
C PRO B 69 -8.51 -12.53 9.97
N ALA B 70 -8.18 -11.91 8.84
CA ALA B 70 -7.88 -12.64 7.60
C ALA B 70 -6.38 -12.87 7.54
N ARG B 71 -5.97 -13.91 6.81
CA ARG B 71 -4.57 -14.27 6.69
C ARG B 71 -4.20 -14.50 5.23
N LEU B 72 -2.89 -14.48 4.97
CA LEU B 72 -2.34 -14.81 3.65
C LEU B 72 -3.02 -16.06 3.08
N ASP B 73 -3.42 -15.99 1.82
CA ASP B 73 -4.03 -17.05 1.02
C ASP B 73 -5.53 -17.23 1.30
N ASP B 74 -6.12 -16.53 2.26
CA ASP B 74 -7.57 -16.63 2.48
C ASP B 74 -8.31 -16.12 1.24
N MET B 75 -9.30 -16.88 0.80
CA MET B 75 -10.27 -16.36 -0.17
C MET B 75 -11.46 -15.81 0.61
N LEU B 76 -11.63 -14.50 0.59
CA LEU B 76 -12.70 -13.84 1.32
C LEU B 76 -13.87 -13.56 0.38
N GLU B 77 -15.04 -13.37 0.97
CA GLU B 77 -16.20 -12.84 0.24
C GLU B 77 -16.61 -11.53 0.89
N ILE B 78 -16.60 -10.46 0.09
CA ILE B 78 -17.18 -9.19 0.52
C ILE B 78 -18.63 -9.16 0.12
N GLN B 79 -19.52 -8.81 1.06
CA GLN B 79 -20.95 -8.71 0.81
C GLN B 79 -21.36 -7.24 0.93
N THR B 80 -22.03 -6.72 -0.09
CA THR B 80 -22.30 -5.29 -0.17
C THR B 80 -23.77 -5.04 -0.52
N GLU B 81 -24.38 -4.09 0.18
CA GLU B 81 -25.76 -3.68 -0.07
C GLU B 81 -25.86 -2.17 0.11
N ILE B 82 -26.67 -1.53 -0.73
CA ILE B 82 -26.99 -0.12 -0.56
C ILE B 82 -28.21 -0.05 0.34
N THR B 83 -28.02 0.48 1.55
CA THR B 83 -29.10 0.43 2.53
C THR B 83 -29.82 1.77 2.70
N SER B 84 -29.29 2.83 2.10
CA SER B 84 -29.91 4.15 2.24
C SER B 84 -29.51 4.98 1.02
N MET B 85 -30.44 5.80 0.54
CA MET B 85 -30.24 6.59 -0.66
C MET B 85 -30.94 7.93 -0.45
N ARG B 86 -30.15 8.98 -0.25
CA ARG B 86 -30.66 10.32 0.02
C ARG B 86 -30.48 11.18 -1.23
N GLY B 87 -30.63 12.49 -1.07
CA GLY B 87 -30.51 13.40 -2.19
C GLY B 87 -29.17 13.35 -2.90
N THR B 88 -28.09 13.58 -2.16
CA THR B 88 -26.74 13.57 -2.70
C THR B 88 -25.94 12.36 -2.25
N SER B 89 -26.55 11.44 -1.49
CA SER B 89 -25.77 10.51 -0.69
C SER B 89 -26.31 9.09 -0.78
N LEU B 90 -25.39 8.12 -0.60
CA LEU B 90 -25.66 6.69 -0.55
C LEU B 90 -24.97 6.11 0.68
N VAL B 91 -25.64 5.20 1.38
CA VAL B 91 -25.01 4.43 2.44
C VAL B 91 -24.86 2.99 1.98
N PHE B 92 -23.62 2.50 2.01
CA PHE B 92 -23.28 1.10 1.73
C PHE B 92 -23.08 0.38 3.04
N THR B 93 -23.73 -0.76 3.21
CA THR B 93 -23.41 -1.67 4.31
C THR B 93 -22.67 -2.87 3.74
N GLN B 94 -21.52 -3.20 4.33
CA GLN B 94 -20.64 -4.21 3.78
C GLN B 94 -20.12 -5.11 4.90
N ARG B 95 -19.77 -6.34 4.54
CA ARG B 95 -19.19 -7.23 5.52
C ARG B 95 -18.30 -8.23 4.80
N ILE B 96 -17.40 -8.84 5.57
CA ILE B 96 -16.39 -9.75 5.02
C ILE B 96 -16.47 -11.06 5.77
N VAL B 97 -16.59 -12.16 5.04
CA VAL B 97 -16.55 -13.49 5.62
C VAL B 97 -15.40 -14.26 4.96
N ASN B 98 -14.89 -15.26 5.66
CA ASN B 98 -13.86 -16.10 5.09
C ASN B 98 -14.50 -17.35 4.48
N ALA B 99 -13.67 -18.31 4.07
CA ALA B 99 -14.20 -19.47 3.37
C ALA B 99 -15.00 -20.38 4.30
N GLU B 100 -14.81 -20.27 5.61
CA GLU B 100 -15.65 -20.98 6.55
C GLU B 100 -16.89 -20.17 6.94
N ASN B 101 -17.17 -19.07 6.23
CA ASN B 101 -18.28 -18.16 6.49
C ASN B 101 -18.19 -17.51 7.88
N THR B 102 -16.99 -17.45 8.43
CA THR B 102 -16.80 -16.71 9.68
C THR B 102 -16.85 -15.22 9.39
N LEU B 103 -17.64 -14.48 10.16
CA LEU B 103 -17.69 -13.04 9.98
C LEU B 103 -16.43 -12.41 10.53
N LEU B 104 -15.65 -11.76 9.66
CA LEU B 104 -14.39 -11.15 10.05
C LEU B 104 -14.50 -9.67 10.34
N ASN B 105 -15.40 -8.98 9.64
CA ASN B 105 -15.25 -7.55 9.49
C ASN B 105 -16.56 -6.98 8.96
N GLU B 106 -16.88 -5.75 9.35
CA GLU B 106 -18.10 -5.10 8.87
C GLU B 106 -17.87 -3.61 8.74
N ALA B 107 -18.53 -2.98 7.76
CA ALA B 107 -18.34 -1.56 7.51
C ALA B 107 -19.66 -0.91 7.14
N GLU B 108 -19.81 0.36 7.53
CA GLU B 108 -20.87 1.24 7.04
C GLU B 108 -20.20 2.46 6.42
N VAL B 109 -20.55 2.75 5.17
CA VAL B 109 -19.82 3.74 4.38
C VAL B 109 -20.79 4.77 3.83
N LEU B 110 -20.64 6.02 4.28
CA LEU B 110 -21.41 7.12 3.73
C LEU B 110 -20.65 7.70 2.53
N VAL B 111 -21.29 7.67 1.36
CA VAL B 111 -20.66 8.02 0.10
C VAL B 111 -21.43 9.19 -0.51
N VAL B 112 -20.72 10.25 -0.88
CA VAL B 112 -21.34 11.47 -1.40
C VAL B 112 -21.08 11.57 -2.89
N CYS B 113 -22.11 12.01 -3.62
CA CYS B 113 -22.02 12.20 -5.06
C CYS B 113 -21.51 13.62 -5.32
N VAL B 114 -20.43 13.73 -6.09
CA VAL B 114 -19.86 15.04 -6.43
C VAL B 114 -19.67 15.15 -7.93
N ASP B 115 -19.53 16.38 -8.40
CA ASP B 115 -19.03 16.54 -9.75
C ASP B 115 -17.51 16.44 -9.73
N PRO B 116 -16.91 15.79 -10.73
CA PRO B 116 -15.44 15.60 -10.69
C PRO B 116 -14.67 16.88 -10.86
N LEU B 117 -15.31 17.96 -11.32
CA LEU B 117 -14.60 19.21 -11.57
C LEU B 117 -14.33 19.97 -10.26
N LYS B 118 -15.39 20.25 -9.49
CA LYS B 118 -15.25 21.03 -8.27
C LYS B 118 -15.25 20.17 -7.02
N MET B 119 -15.57 18.88 -7.13
CA MET B 119 -15.72 17.98 -5.99
C MET B 119 -16.78 18.48 -5.01
N LYS B 120 -17.72 19.31 -5.48
CA LYS B 120 -18.81 19.71 -4.61
C LYS B 120 -20.02 18.80 -4.80
N PRO B 121 -20.80 18.58 -3.75
CA PRO B 121 -21.92 17.62 -3.84
C PRO B 121 -22.88 17.96 -4.97
N ARG B 122 -23.57 16.93 -5.44
CA ARG B 122 -24.59 17.07 -6.48
C ARG B 122 -25.59 15.93 -6.34
N ALA B 123 -26.80 16.15 -6.86
CA ALA B 123 -27.85 15.16 -6.75
C ALA B 123 -27.42 13.85 -7.40
N LEU B 124 -27.85 12.74 -6.80
CA LEU B 124 -27.59 11.44 -7.40
C LEU B 124 -28.19 11.39 -8.82
N PRO B 125 -27.50 10.77 -9.78
CA PRO B 125 -28.09 10.59 -11.10
C PRO B 125 -29.38 9.79 -11.03
N LYS B 126 -30.35 10.18 -11.87
CA LYS B 126 -31.64 9.51 -11.84
C LYS B 126 -31.50 8.02 -12.11
N SER B 127 -30.56 7.65 -13.00
CA SER B 127 -30.35 6.24 -13.30
C SER B 127 -29.89 5.46 -12.06
N ILE B 128 -29.03 6.08 -11.25
CA ILE B 128 -28.62 5.44 -10.00
C ILE B 128 -29.81 5.24 -9.08
N VAL B 129 -30.62 6.29 -8.93
CA VAL B 129 -31.81 6.18 -8.07
C VAL B 129 -32.74 5.10 -8.59
N ALA B 130 -32.97 5.07 -9.91
CA ALA B 130 -33.89 4.09 -10.49
C ALA B 130 -33.34 2.68 -10.39
N GLU B 131 -32.02 2.51 -10.54
CA GLU B 131 -31.43 1.18 -10.50
C GLU B 131 -31.50 0.56 -9.11
N PHE B 132 -31.24 1.35 -8.09
CA PHE B 132 -31.18 0.82 -6.73
C PHE B 132 -32.41 1.27 -5.93
N THR C 3 30.11 16.15 -5.10
CA THR C 3 29.25 15.03 -5.44
C THR C 3 27.83 15.29 -4.93
N THR C 4 26.89 14.43 -5.33
CA THR C 4 25.47 14.69 -5.14
C THR C 4 24.85 13.91 -3.98
N LEU C 5 25.65 13.18 -3.20
CA LEU C 5 25.12 12.25 -2.20
C LEU C 5 24.16 12.92 -1.24
N PHE C 6 22.95 12.37 -1.15
CA PHE C 6 21.87 12.88 -0.30
C PHE C 6 21.38 11.74 0.58
N ARG C 7 21.20 12.04 1.87
CA ARG C 7 20.74 11.07 2.84
C ARG C 7 19.31 11.38 3.28
N TRP C 8 18.50 10.33 3.44
CA TRP C 8 17.10 10.48 3.83
C TRP C 8 16.70 9.38 4.82
N PRO C 9 16.24 9.73 6.02
CA PRO C 9 15.82 8.70 6.97
C PRO C 9 14.40 8.21 6.69
N VAL C 10 14.18 6.92 6.96
CA VAL C 10 12.85 6.31 6.82
C VAL C 10 12.65 5.34 7.98
N ARG C 11 11.57 5.53 8.72
CA ARG C 11 11.12 4.60 9.74
C ARG C 11 10.22 3.52 9.13
N VAL C 12 10.40 2.28 9.57
CA VAL C 12 9.60 1.16 9.12
C VAL C 12 8.38 1.00 10.04
N TYR C 13 7.19 1.05 9.46
CA TYR C 13 5.92 0.88 10.17
C TYR C 13 5.24 -0.40 9.73
N TYR C 14 4.17 -0.76 10.46
CA TYR C 14 3.42 -1.99 10.16
C TYR C 14 3.02 -2.07 8.70
N GLU C 15 2.58 -0.95 8.13
CA GLU C 15 2.13 -0.90 6.75
C GLU C 15 3.21 -1.36 5.77
N ASP C 16 4.49 -1.22 6.15
CA ASP C 16 5.62 -1.59 5.29
C ASP C 16 5.99 -3.06 5.38
N THR C 17 5.57 -3.74 6.44
CA THR C 17 5.92 -5.12 6.71
C THR C 17 4.92 -6.08 6.09
N ALA C 18 5.30 -7.35 6.02
CA ALA C 18 4.47 -8.43 5.51
C ALA C 18 4.51 -9.61 6.49
N ALA C 19 3.63 -10.60 6.22
CA ALA C 19 3.46 -11.73 7.13
C ALA C 19 4.74 -12.49 7.42
N GLY C 20 5.76 -12.38 6.57
CA GLY C 20 7.00 -13.06 6.96
C GLY C 20 7.74 -12.43 8.13
N GLY C 21 7.36 -11.22 8.55
CA GLY C 21 8.08 -10.51 9.57
C GLY C 21 9.13 -9.54 9.07
N VAL C 22 9.21 -9.30 7.76
CA VAL C 22 10.19 -8.38 7.19
C VAL C 22 9.45 -7.37 6.32
N VAL C 23 10.17 -6.37 5.84
CA VAL C 23 9.59 -5.37 4.94
C VAL C 23 9.23 -6.02 3.61
N TYR C 24 7.99 -5.78 3.15
CA TYR C 24 7.55 -6.23 1.84
C TYR C 24 8.44 -5.67 0.73
N HIS C 25 8.75 -6.50 -0.28
CA HIS C 25 9.81 -6.10 -1.23
C HIS C 25 9.41 -4.90 -2.06
N ALA C 26 8.12 -4.70 -2.33
CA ALA C 26 7.72 -3.50 -3.07
C ALA C 26 7.83 -2.22 -2.22
N SER C 27 7.79 -2.32 -0.89
CA SER C 27 7.88 -1.13 -0.03
C SER C 27 9.20 -0.38 -0.23
N TYR C 28 10.30 -1.12 -0.36
CA TYR C 28 11.59 -0.51 -0.65
C TYR C 28 11.52 0.40 -1.86
N VAL C 29 10.77 -0.02 -2.89
CA VAL C 29 10.64 0.79 -4.11
C VAL C 29 10.04 2.14 -3.80
N ALA C 30 9.02 2.17 -2.92
CA ALA C 30 8.45 3.43 -2.49
C ALA C 30 9.45 4.26 -1.69
N PHE C 31 10.21 3.61 -0.78
CA PHE C 31 11.22 4.33 0.00
C PHE C 31 12.20 5.02 -0.92
N TYR C 32 12.66 4.33 -1.96
CA TYR C 32 13.61 4.94 -2.88
C TYR C 32 13.02 6.15 -3.56
N GLU C 33 11.72 6.11 -3.87
CA GLU C 33 11.11 7.26 -4.55
C GLU C 33 11.02 8.46 -3.63
N ARG C 34 10.62 8.25 -2.36
CA ARG C 34 10.64 9.34 -1.40
C ARG C 34 12.00 10.01 -1.34
N ALA C 35 13.08 9.20 -1.38
CA ALA C 35 14.41 9.78 -1.26
C ALA C 35 14.78 10.61 -2.50
N ARG C 36 14.41 10.13 -3.70
CA ARG C 36 14.63 10.96 -4.89
C ARG C 36 13.83 12.25 -4.81
N THR C 37 12.59 12.16 -4.32
CA THR C 37 11.76 13.35 -4.17
C THR C 37 12.40 14.36 -3.22
N GLU C 38 12.90 13.87 -2.09
CA GLU C 38 13.48 14.75 -1.08
C GLU C 38 14.82 15.28 -1.54
N MET C 39 15.61 14.48 -2.27
CA MET C 39 16.83 15.02 -2.85
C MET C 39 16.53 16.20 -3.75
N LEU C 40 15.50 16.08 -4.59
CA LEU C 40 15.15 17.18 -5.48
C LEU C 40 14.66 18.39 -4.68
N ARG C 41 13.88 18.15 -3.62
CA ARG C 41 13.46 19.26 -2.78
C ARG C 41 14.66 19.97 -2.15
N HIS C 42 15.67 19.21 -1.72
CA HIS C 42 16.86 19.80 -1.13
C HIS C 42 17.61 20.69 -2.11
N HIS C 43 17.59 20.34 -3.40
CA HIS C 43 18.22 21.16 -4.42
C HIS C 43 17.23 22.15 -5.06
N HIS C 44 16.16 22.49 -4.34
CA HIS C 44 15.21 23.54 -4.73
C HIS C 44 14.42 23.15 -5.98
N PHE C 45 14.14 21.86 -6.12
CA PHE C 45 13.20 21.37 -7.13
C PHE C 45 12.05 20.66 -6.45
N SER C 46 11.29 21.38 -5.63
CA SER C 46 10.04 20.84 -5.12
C SER C 46 9.10 20.58 -6.30
N GLN C 47 8.11 19.72 -6.06
N GLN C 47 8.11 19.70 -6.06
CA GLN C 47 7.25 19.29 -7.16
CA GLN C 47 7.23 19.29 -7.15
C GLN C 47 6.42 20.44 -7.72
C GLN C 47 6.46 20.47 -7.72
N GLN C 48 6.03 21.40 -6.87
CA GLN C 48 5.31 22.56 -7.36
C GLN C 48 6.21 23.45 -8.20
N ALA C 49 7.50 23.49 -7.90
CA ALA C 49 8.45 24.14 -8.78
C ALA C 49 8.56 23.41 -10.11
N LEU C 50 8.73 22.08 -10.06
CA LEU C 50 8.80 21.28 -11.28
C LEU C 50 7.53 21.40 -12.09
N MET C 51 6.37 21.52 -11.43
CA MET C 51 5.12 21.77 -12.14
C MET C 51 5.19 23.05 -12.96
N ALA C 52 5.85 24.08 -12.43
CA ALA C 52 5.95 25.37 -13.11
C ALA C 52 6.90 25.34 -14.30
N GLU C 53 7.81 24.36 -14.37
CA GLU C 53 8.71 24.24 -15.49
C GLU C 53 8.28 23.14 -16.48
N ARG C 54 7.03 22.67 -16.36
CA ARG C 54 6.42 21.71 -17.28
C ARG C 54 7.05 20.33 -17.23
N VAL C 55 7.74 19.97 -16.15
CA VAL C 55 8.52 18.74 -16.10
C VAL C 55 7.91 17.75 -15.12
N ALA C 56 7.86 16.49 -15.53
CA ALA C 56 7.57 15.36 -14.67
C ALA C 56 8.67 14.32 -14.88
N PHE C 57 8.74 13.34 -13.98
CA PHE C 57 9.72 12.28 -14.07
C PHE C 57 9.04 10.94 -13.87
N VAL C 58 9.37 9.98 -14.74
CA VAL C 58 8.81 8.63 -14.68
C VAL C 58 9.95 7.62 -14.68
N VAL C 59 9.73 6.51 -13.99
CA VAL C 59 10.71 5.43 -13.97
C VAL C 59 10.58 4.63 -15.26
N ARG C 60 11.72 4.43 -15.93
CA ARG C 60 11.81 3.63 -17.14
C ARG C 60 12.34 2.23 -16.89
N LYS C 61 13.29 2.10 -15.95
CA LYS C 61 13.88 0.80 -15.67
C LYS C 61 14.48 0.87 -14.29
N MET C 62 14.37 -0.23 -13.54
CA MET C 62 15.02 -0.26 -12.24
C MET C 62 15.47 -1.68 -11.93
N THR C 63 16.63 -1.77 -11.27
CA THR C 63 17.18 -3.04 -10.79
C THR C 63 17.38 -2.89 -9.29
N VAL C 64 16.84 -3.83 -8.51
CA VAL C 64 16.95 -3.77 -7.05
C VAL C 64 17.60 -5.05 -6.53
N GLU C 65 18.57 -4.91 -5.63
CA GLU C 65 19.24 -6.03 -4.97
C GLU C 65 18.86 -6.03 -3.50
N TYR C 66 18.36 -7.16 -3.01
CA TYR C 66 17.88 -7.30 -1.62
C TYR C 66 18.87 -8.19 -0.88
N TYR C 67 19.77 -7.56 -0.12
CA TYR C 67 20.84 -8.31 0.56
C TYR C 67 20.43 -8.83 1.93
N ALA C 68 19.67 -8.04 2.66
CA ALA C 68 19.27 -8.38 4.02
C ALA C 68 18.01 -7.59 4.33
N PRO C 69 17.17 -8.07 5.24
CA PRO C 69 15.85 -7.45 5.41
C PRO C 69 15.84 -6.31 6.42
N ALA C 70 14.92 -5.39 6.21
CA ALA C 70 14.52 -4.45 7.24
C ALA C 70 13.32 -5.02 7.99
N ARG C 71 13.11 -4.51 9.21
CA ARG C 71 12.07 -5.04 10.08
C ARG C 71 11.34 -3.89 10.76
N LEU C 72 10.17 -4.21 11.31
CA LEU C 72 9.34 -3.25 12.02
C LEU C 72 10.18 -2.44 13.01
N ASP C 73 9.99 -1.11 12.99
CA ASP C 73 10.62 -0.12 13.85
C ASP C 73 12.05 0.23 13.44
N ASP C 74 12.63 -0.44 12.45
CA ASP C 74 13.98 -0.06 12.01
C ASP C 74 13.96 1.38 11.54
N MET C 75 14.98 2.14 11.92
CA MET C 75 15.27 3.43 11.32
C MET C 75 16.31 3.22 10.25
N LEU C 76 15.93 3.45 9.00
CA LEU C 76 16.81 3.22 7.86
C LEU C 76 17.31 4.56 7.34
N GLU C 77 18.41 4.49 6.59
CA GLU C 77 18.90 5.63 5.85
C GLU C 77 18.97 5.25 4.37
N ILE C 78 18.25 6.00 3.54
CA ILE C 78 18.36 5.87 2.09
C ILE C 78 19.44 6.82 1.63
N GLN C 79 20.37 6.34 0.80
CA GLN C 79 21.43 7.17 0.24
C GLN C 79 21.26 7.24 -1.27
N THR C 80 21.37 8.44 -1.83
CA THR C 80 20.99 8.67 -3.22
C THR C 80 22.02 9.55 -3.92
N GLU C 81 22.41 9.14 -5.13
CA GLU C 81 23.27 9.93 -6.00
C GLU C 81 22.72 9.90 -7.41
N ILE C 82 22.84 11.03 -8.11
CA ILE C 82 22.64 11.06 -9.55
C ILE C 82 23.98 10.78 -10.20
N THR C 83 24.09 9.61 -10.84
CA THR C 83 25.38 9.14 -11.34
C THR C 83 25.57 9.38 -12.83
N SER C 84 24.50 9.64 -13.57
CA SER C 84 24.61 9.96 -14.99
C SER C 84 23.47 10.90 -15.36
N MET C 85 23.71 11.75 -16.35
CA MET C 85 22.66 12.54 -16.99
C MET C 85 22.98 12.66 -18.47
N ARG C 86 21.96 12.50 -19.32
CA ARG C 86 22.15 12.68 -20.76
C ARG C 86 20.80 12.82 -21.43
N GLY C 87 20.67 13.85 -22.26
CA GLY C 87 19.50 14.05 -23.09
C GLY C 87 18.21 14.23 -22.32
N THR C 88 17.42 13.16 -22.26
CA THR C 88 16.11 13.18 -21.63
C THR C 88 16.07 12.50 -20.26
N SER C 89 17.14 11.84 -19.85
CA SER C 89 17.03 10.89 -18.76
C SER C 89 18.21 11.01 -17.80
N LEU C 90 18.09 10.34 -16.66
CA LEU C 90 19.17 10.33 -15.70
C LEU C 90 19.07 9.05 -14.87
N VAL C 91 20.22 8.66 -14.32
CA VAL C 91 20.33 7.44 -13.53
C VAL C 91 20.55 7.84 -12.06
N PHE C 92 19.70 7.31 -11.19
CA PHE C 92 19.89 7.44 -9.75
C PHE C 92 20.50 6.15 -9.22
N THR C 93 21.55 6.26 -8.42
CA THR C 93 22.13 5.12 -7.74
C THR C 93 21.78 5.25 -6.26
N GLN C 94 21.17 4.22 -5.69
CA GLN C 94 20.62 4.32 -4.36
C GLN C 94 20.95 3.09 -3.55
N ARG C 95 21.02 3.25 -2.23
CA ARG C 95 21.23 2.14 -1.31
C ARG C 95 20.54 2.43 0.01
N ILE C 96 20.30 1.37 0.76
CA ILE C 96 19.63 1.47 2.05
C ILE C 96 20.49 0.76 3.08
N VAL C 97 20.80 1.45 4.17
CA VAL C 97 21.53 0.87 5.30
C VAL C 97 20.62 0.97 6.53
N ASN C 98 20.90 0.12 7.52
CA ASN C 98 20.18 0.23 8.78
C ASN C 98 21.05 0.94 9.83
N ALA C 99 20.60 0.93 11.08
CA ALA C 99 21.29 1.67 12.13
C ALA C 99 22.67 1.10 12.44
N GLU C 100 22.92 -0.17 12.14
CA GLU C 100 24.25 -0.75 12.33
C GLU C 100 25.17 -0.50 11.15
N ASN C 101 24.68 0.18 10.11
CA ASN C 101 25.33 0.39 8.82
C ASN C 101 25.42 -0.88 7.99
N THR C 102 24.59 -1.87 8.28
CA THR C 102 24.46 -3.03 7.42
C THR C 102 23.82 -2.62 6.09
N LEU C 103 24.43 -3.04 4.98
CA LEU C 103 23.88 -2.74 3.66
C LEU C 103 22.73 -3.70 3.36
N LEU C 104 21.50 -3.19 3.40
CA LEU C 104 20.31 -4.02 3.19
C LEU C 104 19.94 -4.16 1.72
N ASN C 105 20.19 -3.13 0.92
CA ASN C 105 19.50 -3.00 -0.35
C ASN C 105 20.26 -1.99 -1.21
N GLU C 106 20.24 -2.19 -2.52
CA GLU C 106 20.69 -1.12 -3.40
C GLU C 106 19.94 -1.21 -4.71
N ALA C 107 19.89 -0.08 -5.40
CA ALA C 107 19.05 0.03 -6.59
C ALA C 107 19.71 0.95 -7.60
N GLU C 108 19.42 0.71 -8.87
CA GLU C 108 19.79 1.60 -9.95
C GLU C 108 18.52 1.92 -10.70
N VAL C 109 18.20 3.21 -10.85
CA VAL C 109 16.90 3.63 -11.36
C VAL C 109 17.12 4.54 -12.55
N LEU C 110 16.59 4.15 -13.72
CA LEU C 110 16.65 4.98 -14.91
C LEU C 110 15.35 5.78 -14.98
N VAL C 111 15.48 7.11 -14.99
CA VAL C 111 14.35 8.03 -14.89
C VAL C 111 14.34 8.91 -16.13
N VAL C 112 13.17 9.06 -16.75
CA VAL C 112 13.01 9.83 -17.99
C VAL C 112 12.17 11.06 -17.70
N CYS C 113 12.61 12.21 -18.21
CA CYS C 113 11.87 13.46 -18.07
C CYS C 113 10.79 13.54 -19.14
N VAL C 114 9.55 13.82 -18.71
CA VAL C 114 8.40 13.78 -19.62
C VAL C 114 7.58 15.07 -19.47
N ASP C 115 6.73 15.29 -20.47
CA ASP C 115 5.71 16.33 -20.41
C ASP C 115 4.44 15.74 -19.82
N PRO C 116 3.95 16.23 -18.67
CA PRO C 116 2.75 15.66 -18.04
C PRO C 116 1.48 15.94 -18.83
N LYS C 120 5.32 13.17 -22.21
CA LYS C 120 6.11 12.57 -23.26
C LYS C 120 7.57 13.07 -23.17
N PRO C 121 8.52 12.24 -23.61
CA PRO C 121 9.93 12.50 -23.30
C PRO C 121 10.42 13.87 -23.80
N ARG C 122 11.00 14.64 -22.88
CA ARG C 122 11.62 15.92 -23.20
C ARG C 122 13.03 15.97 -22.63
N ALA C 123 13.81 16.90 -23.15
CA ALA C 123 15.17 17.08 -22.67
C ALA C 123 15.17 17.55 -21.22
N LEU C 124 16.27 17.26 -20.53
CA LEU C 124 16.41 17.70 -19.15
C LEU C 124 16.45 19.23 -19.09
N PRO C 125 15.88 19.85 -18.06
CA PRO C 125 16.07 21.29 -17.88
C PRO C 125 17.54 21.61 -17.66
N LYS C 126 17.97 22.75 -18.19
CA LYS C 126 19.37 23.16 -18.02
C LYS C 126 19.68 23.38 -16.55
N SER C 127 18.71 23.88 -15.78
CA SER C 127 18.93 24.11 -14.35
C SER C 127 19.17 22.81 -13.61
N ILE C 128 18.43 21.76 -13.98
CA ILE C 128 18.67 20.44 -13.36
C ILE C 128 20.08 19.95 -13.68
N VAL C 129 20.50 20.07 -14.94
CA VAL C 129 21.85 19.62 -15.32
C VAL C 129 22.90 20.46 -14.62
N ALA C 130 22.70 21.78 -14.58
CA ALA C 130 23.66 22.66 -13.92
C ALA C 130 23.76 22.31 -12.43
N GLU C 131 22.62 22.06 -11.78
CA GLU C 131 22.62 21.74 -10.35
C GLU C 131 23.40 20.46 -10.05
N PHE C 132 23.40 19.50 -10.97
CA PHE C 132 24.05 18.22 -10.72
C PHE C 132 25.20 17.96 -11.69
N THR D 4 -2.86 13.75 26.85
CA THR D 4 -2.08 14.89 26.38
C THR D 4 -1.72 14.72 24.90
N LEU D 5 -1.92 15.80 24.14
CA LEU D 5 -1.77 15.77 22.69
C LEU D 5 -0.35 15.38 22.28
N PHE D 6 -0.27 14.56 21.24
CA PHE D 6 0.98 14.23 20.58
C PHE D 6 0.86 14.63 19.12
N ARG D 7 1.87 15.33 18.59
CA ARG D 7 1.83 15.79 17.20
C ARG D 7 2.83 15.01 16.36
N TRP D 8 2.41 14.62 15.15
CA TRP D 8 3.29 13.89 14.26
C TRP D 8 3.23 14.43 12.84
N PRO D 9 4.35 14.86 12.25
CA PRO D 9 4.33 15.37 10.87
C PRO D 9 4.37 14.25 9.85
N VAL D 10 3.67 14.44 8.74
CA VAL D 10 3.65 13.46 7.64
C VAL D 10 3.68 14.21 6.31
N ARG D 11 4.67 13.90 5.48
CA ARG D 11 4.72 14.41 4.10
C ARG D 11 3.97 13.46 3.16
N VAL D 12 3.22 14.03 2.23
CA VAL D 12 2.48 13.25 1.23
C VAL D 12 3.39 12.99 0.03
N TYR D 13 3.50 11.72 -0.37
CA TYR D 13 4.29 11.31 -1.52
C TYR D 13 3.40 10.72 -2.60
N TYR D 14 3.97 10.55 -3.80
CA TYR D 14 3.24 9.98 -4.93
C TYR D 14 2.50 8.70 -4.55
N GLU D 15 3.16 7.83 -3.78
CA GLU D 15 2.58 6.56 -3.34
C GLU D 15 1.27 6.74 -2.60
N ASP D 16 1.06 7.90 -1.96
CA ASP D 16 -0.14 8.13 -1.18
C ASP D 16 -1.29 8.68 -2.01
N THR D 17 -1.00 9.18 -3.21
CA THR D 17 -1.97 9.87 -4.02
C THR D 17 -2.74 8.88 -4.88
N ALA D 18 -3.85 9.35 -5.45
CA ALA D 18 -4.62 8.55 -6.39
C ALA D 18 -4.94 9.39 -7.62
N ALA D 19 -5.60 8.76 -8.60
CA ALA D 19 -5.74 9.38 -9.92
C ALA D 19 -6.34 10.78 -9.87
N GLY D 20 -7.13 11.09 -8.84
CA GLY D 20 -7.72 12.41 -8.79
C GLY D 20 -6.80 13.54 -8.36
N GLY D 21 -5.54 13.25 -8.06
CA GLY D 21 -4.63 14.25 -7.51
C GLY D 21 -4.73 14.44 -6.01
N VAL D 22 -5.50 13.62 -5.32
CA VAL D 22 -5.70 13.75 -3.88
C VAL D 22 -5.21 12.47 -3.21
N VAL D 23 -5.07 12.53 -1.88
CA VAL D 23 -4.59 11.37 -1.13
C VAL D 23 -5.67 10.30 -1.09
N TYR D 24 -5.27 9.05 -1.33
CA TYR D 24 -6.20 7.93 -1.30
C TYR D 24 -6.75 7.76 0.11
N HIS D 25 -8.07 7.55 0.24
CA HIS D 25 -8.67 7.64 1.58
C HIS D 25 -8.11 6.59 2.53
N ALA D 26 -7.66 5.43 2.02
CA ALA D 26 -7.03 4.47 2.92
C ALA D 26 -5.63 4.88 3.38
N SER D 27 -4.95 5.78 2.65
CA SER D 27 -3.63 6.21 3.10
C SER D 27 -3.72 6.98 4.41
N TYR D 28 -4.78 7.77 4.59
CA TYR D 28 -4.99 8.45 5.87
C TYR D 28 -5.03 7.47 7.03
N VAL D 29 -5.68 6.31 6.84
CA VAL D 29 -5.72 5.31 7.91
C VAL D 29 -4.31 4.90 8.31
N ALA D 30 -3.42 4.72 7.33
CA ALA D 30 -2.03 4.41 7.65
C ALA D 30 -1.35 5.57 8.38
N PHE D 31 -1.60 6.80 7.95
CA PHE D 31 -1.01 7.94 8.65
C PHE D 31 -1.40 7.94 10.12
N TYR D 32 -2.68 7.68 10.39
CA TYR D 32 -3.15 7.63 11.78
C TYR D 32 -2.41 6.55 12.56
N GLU D 33 -2.18 5.39 11.94
CA GLU D 33 -1.46 4.32 12.64
C GLU D 33 -0.03 4.72 12.97
N ARG D 34 0.66 5.39 12.03
CA ARG D 34 2.01 5.88 12.32
C ARG D 34 2.01 6.78 13.54
N ALA D 35 1.03 7.67 13.64
CA ALA D 35 1.00 8.61 14.75
C ALA D 35 0.75 7.90 16.08
N ARG D 36 -0.15 6.91 16.10
CA ARG D 36 -0.33 6.11 17.32
C ARG D 36 0.96 5.39 17.69
N THR D 37 1.63 4.78 16.71
CA THR D 37 2.92 4.12 16.96
C THR D 37 3.94 5.10 17.53
N GLU D 38 4.04 6.30 16.94
CA GLU D 38 5.03 7.26 17.42
C GLU D 38 4.68 7.79 18.81
N MET D 39 3.39 7.97 19.08
CA MET D 39 2.98 8.41 20.42
C MET D 39 3.37 7.37 21.48
N LEU D 40 3.11 6.09 21.20
CA LEU D 40 3.55 5.05 22.11
C LEU D 40 5.07 5.02 22.22
N ARG D 41 5.77 5.15 21.09
CA ARG D 41 7.24 5.15 21.10
C ARG D 41 7.76 6.26 22.01
N HIS D 42 7.14 7.43 21.92
CA HIS D 42 7.54 8.59 22.71
C HIS D 42 7.42 8.32 24.19
N HIS D 43 6.49 7.44 24.58
CA HIS D 43 6.30 7.08 25.97
C HIS D 43 7.02 5.77 26.32
N HIS D 44 7.97 5.36 25.49
CA HIS D 44 8.83 4.19 25.68
C HIS D 44 8.09 2.88 25.49
N PHE D 45 6.84 2.93 25.01
CA PHE D 45 6.07 1.73 24.69
C PHE D 45 6.38 1.32 23.25
N SER D 46 7.62 0.90 23.08
CA SER D 46 8.08 0.30 21.84
C SER D 46 7.53 -1.11 21.72
N GLN D 47 7.59 -1.65 20.51
CA GLN D 47 7.20 -3.05 20.30
C GLN D 47 7.96 -3.99 21.23
N GLN D 48 9.25 -3.70 21.47
CA GLN D 48 10.03 -4.46 22.45
C GLN D 48 9.37 -4.47 23.81
N ALA D 49 9.17 -3.29 24.40
CA ALA D 49 8.61 -3.20 25.75
C ALA D 49 7.21 -3.81 25.81
N LEU D 50 6.44 -3.68 24.73
CA LEU D 50 5.12 -4.28 24.67
C LEU D 50 5.19 -5.80 24.67
N MET D 51 5.82 -6.38 23.64
CA MET D 51 5.87 -7.83 23.53
C MET D 51 6.74 -8.49 24.60
N ALA D 52 7.33 -7.70 25.50
CA ALA D 52 8.07 -8.24 26.62
C ALA D 52 7.19 -8.45 27.87
N GLU D 53 6.09 -7.75 27.89
CA GLU D 53 5.21 -7.86 29.00
C GLU D 53 3.87 -8.40 28.52
N ARG D 54 3.96 -9.21 27.48
CA ARG D 54 2.85 -9.88 26.87
C ARG D 54 1.92 -9.30 25.82
N VAL D 55 2.32 -8.19 25.18
CA VAL D 55 1.48 -7.60 24.15
C VAL D 55 1.55 -7.36 22.65
N ALA D 56 0.34 -7.20 22.15
CA ALA D 56 0.11 -6.59 20.85
C ALA D 56 -1.13 -5.72 20.96
N PHE D 57 -1.23 -4.73 20.08
CA PHE D 57 -2.41 -3.88 19.99
C PHE D 57 -3.02 -4.03 18.61
N VAL D 58 -4.32 -4.28 18.57
CA VAL D 58 -5.04 -4.43 17.31
C VAL D 58 -6.21 -3.48 17.31
N VAL D 59 -6.60 -3.04 16.11
CA VAL D 59 -7.73 -2.14 15.98
C VAL D 59 -9.01 -2.96 16.02
N ARG D 60 -9.93 -2.57 16.90
CA ARG D 60 -11.23 -3.22 17.04
C ARG D 60 -12.35 -2.47 16.35
N LYS D 61 -12.35 -1.13 16.41
CA LYS D 61 -13.34 -0.30 15.71
C LYS D 61 -12.67 1.01 15.29
N MET D 62 -12.98 1.49 14.09
CA MET D 62 -12.44 2.75 13.62
C MET D 62 -13.49 3.52 12.81
N THR D 63 -13.67 4.78 13.16
CA THR D 63 -14.54 5.70 12.42
C THR D 63 -13.68 6.84 11.90
N VAL D 64 -13.80 7.13 10.61
CA VAL D 64 -13.10 8.25 9.99
C VAL D 64 -14.12 9.11 9.26
N GLU D 65 -14.01 10.43 9.42
CA GLU D 65 -14.84 11.38 8.71
C GLU D 65 -13.94 12.28 7.86
N TYR D 66 -14.27 12.42 6.57
CA TYR D 66 -13.40 13.09 5.59
C TYR D 66 -14.02 14.43 5.20
N TYR D 67 -13.27 15.51 5.39
CA TYR D 67 -13.77 16.86 5.14
C TYR D 67 -13.12 17.54 3.95
N ALA D 68 -11.81 17.40 3.78
CA ALA D 68 -11.11 18.10 2.71
C ALA D 68 -9.87 17.30 2.35
N PRO D 69 -9.38 17.42 1.13
CA PRO D 69 -8.29 16.54 0.68
C PRO D 69 -6.89 17.09 0.97
N ALA D 70 -5.98 16.16 1.22
CA ALA D 70 -4.55 16.44 1.12
C ALA D 70 -4.08 16.17 -0.31
N ARG D 71 -3.09 16.93 -0.75
CA ARG D 71 -2.57 16.78 -2.10
C ARG D 71 -1.08 16.47 -2.07
N LEU D 72 -0.56 16.04 -3.23
CA LEU D 72 0.83 15.67 -3.36
C LEU D 72 1.74 16.74 -2.77
N ASP D 73 2.71 16.31 -1.96
CA ASP D 73 3.76 17.13 -1.35
C ASP D 73 3.27 18.01 -0.21
N ASP D 74 2.00 17.91 0.20
CA ASP D 74 1.56 18.61 1.41
C ASP D 74 2.31 18.08 2.63
N MET D 75 2.60 18.97 3.58
CA MET D 75 3.16 18.62 4.88
C MET D 75 2.02 18.68 5.90
N LEU D 76 1.64 17.52 6.43
CA LEU D 76 0.48 17.41 7.29
C LEU D 76 0.92 17.28 8.74
N GLU D 77 -0.02 17.53 9.65
CA GLU D 77 0.19 17.20 11.05
C GLU D 77 -0.93 16.27 11.50
N ILE D 78 -0.56 15.11 12.01
CA ILE D 78 -1.47 14.21 12.71
C ILE D 78 -1.47 14.58 14.17
N GLN D 79 -2.65 14.76 14.74
CA GLN D 79 -2.80 15.09 16.16
C GLN D 79 -3.50 13.93 16.86
N THR D 80 -2.97 13.50 18.01
CA THR D 80 -3.41 12.26 18.62
C THR D 80 -3.51 12.40 20.15
N GLU D 81 -4.64 11.94 20.70
CA GLU D 81 -4.84 11.88 22.14
C GLU D 81 -5.44 10.53 22.50
N ILE D 82 -5.10 10.04 23.69
CA ILE D 82 -5.80 8.90 24.26
C ILE D 82 -6.90 9.46 25.16
N THR D 83 -8.14 9.22 24.76
CA THR D 83 -9.27 9.84 25.47
C THR D 83 -10.00 8.87 26.38
N SER D 84 -9.73 7.57 26.29
CA SER D 84 -10.43 6.61 27.14
C SER D 84 -9.52 5.43 27.41
N MET D 85 -9.63 4.88 28.62
CA MET D 85 -8.98 3.63 28.96
C MET D 85 -9.94 2.77 29.76
N ARG D 86 -10.07 1.51 29.35
CA ARG D 86 -10.97 0.57 30.00
C ARG D 86 -10.18 -0.60 30.56
N GLY D 87 -10.78 -1.78 30.59
CA GLY D 87 -10.09 -2.96 31.03
C GLY D 87 -8.98 -3.37 30.07
N THR D 88 -9.35 -3.70 28.84
CA THR D 88 -8.42 -4.21 27.84
C THR D 88 -8.22 -3.28 26.65
N SER D 89 -8.81 -2.08 26.66
CA SER D 89 -8.88 -1.29 25.45
C SER D 89 -8.64 0.19 25.72
N LEU D 90 -8.13 0.88 24.69
CA LEU D 90 -7.97 2.33 24.68
C LEU D 90 -8.69 2.91 23.48
N VAL D 91 -9.11 4.17 23.61
CA VAL D 91 -9.66 4.95 22.51
C VAL D 91 -8.68 6.06 22.17
N PHE D 92 -8.25 6.11 20.91
CA PHE D 92 -7.45 7.22 20.40
C PHE D 92 -8.35 8.16 19.62
N THR D 93 -8.27 9.45 19.93
CA THR D 93 -8.97 10.48 19.17
C THR D 93 -7.92 11.22 18.34
N GLN D 94 -8.11 11.24 17.03
CA GLN D 94 -7.09 11.71 16.11
C GLN D 94 -7.70 12.64 15.06
N ARG D 95 -6.85 13.51 14.51
CA ARG D 95 -7.26 14.31 13.36
C ARG D 95 -6.03 14.72 12.58
N ILE D 96 -6.26 15.12 11.33
CA ILE D 96 -5.21 15.53 10.40
C ILE D 96 -5.52 16.94 9.93
N VAL D 97 -4.54 17.84 10.06
CA VAL D 97 -4.64 19.20 9.52
C VAL D 97 -3.50 19.39 8.53
N ASN D 98 -3.67 20.36 7.63
CA ASN D 98 -2.61 20.69 6.70
C ASN D 98 -1.86 21.91 7.22
N ALA D 99 -0.93 22.44 6.40
CA ALA D 99 -0.04 23.50 6.85
C ALA D 99 -0.77 24.81 7.07
N GLU D 100 -1.95 24.97 6.48
CA GLU D 100 -2.81 26.12 6.77
C GLU D 100 -3.74 25.87 7.95
N ASN D 101 -3.55 24.76 8.67
CA ASN D 101 -4.40 24.34 9.78
C ASN D 101 -5.83 24.06 9.34
N THR D 102 -6.04 23.77 8.05
CA THR D 102 -7.33 23.30 7.58
C THR D 102 -7.56 21.87 8.05
N LEU D 103 -8.74 21.62 8.62
CA LEU D 103 -9.09 20.29 9.13
C LEU D 103 -9.47 19.40 7.94
N LEU D 104 -8.68 18.34 7.71
CA LEU D 104 -8.90 17.46 6.57
C LEU D 104 -9.80 16.28 6.89
N ASN D 105 -9.54 15.60 8.01
CA ASN D 105 -10.37 14.49 8.45
C ASN D 105 -10.10 14.24 9.92
N GLU D 106 -10.95 13.41 10.52
CA GLU D 106 -10.84 13.07 11.94
C GLU D 106 -11.17 11.60 12.10
N ALA D 107 -10.62 10.99 13.15
CA ALA D 107 -10.81 9.56 13.39
C ALA D 107 -10.98 9.30 14.88
N GLU D 108 -11.74 8.23 15.17
CA GLU D 108 -11.84 7.70 16.52
C GLU D 108 -11.56 6.21 16.43
N VAL D 109 -10.58 5.74 17.21
CA VAL D 109 -10.02 4.41 17.00
C VAL D 109 -10.05 3.66 18.34
N LEU D 110 -10.86 2.61 18.41
CA LEU D 110 -10.87 1.71 19.56
C LEU D 110 -9.81 0.64 19.35
N VAL D 111 -8.88 0.53 20.31
CA VAL D 111 -7.73 -0.37 20.22
C VAL D 111 -7.81 -1.38 21.36
N VAL D 112 -7.53 -2.65 21.05
CA VAL D 112 -7.62 -3.73 22.02
C VAL D 112 -6.25 -4.37 22.21
N CYS D 113 -5.91 -4.68 23.47
CA CYS D 113 -4.65 -5.34 23.82
C CYS D 113 -4.83 -6.85 23.79
N VAL D 114 -4.04 -7.55 22.97
CA VAL D 114 -4.17 -8.98 22.76
C VAL D 114 -2.81 -9.67 22.91
N ASP D 115 -2.81 -10.99 22.74
CA ASP D 115 -1.62 -11.84 22.73
C ASP D 115 -1.31 -12.23 21.29
N PRO D 116 -0.24 -11.72 20.67
CA PRO D 116 -0.09 -11.88 19.21
C PRO D 116 -0.08 -13.32 18.72
N LEU D 117 0.22 -14.29 19.58
CA LEU D 117 0.22 -15.69 19.15
C LEU D 117 -1.21 -16.22 19.01
N LYS D 118 -2.04 -15.99 20.02
CA LYS D 118 -3.44 -16.40 19.99
C LYS D 118 -4.42 -15.26 19.73
N MET D 119 -4.06 -14.03 20.12
CA MET D 119 -4.86 -12.83 19.88
C MET D 119 -6.21 -12.88 20.59
N LYS D 120 -6.20 -12.71 21.91
CA LYS D 120 -7.42 -12.64 22.70
C LYS D 120 -7.24 -11.59 23.81
N PRO D 121 -8.29 -10.78 24.07
CA PRO D 121 -8.17 -9.64 24.99
C PRO D 121 -7.35 -9.87 26.25
N ARG D 122 -6.33 -9.04 26.42
CA ARG D 122 -5.49 -9.03 27.62
C ARG D 122 -5.68 -7.71 28.35
N ALA D 123 -5.64 -7.76 29.67
CA ALA D 123 -5.86 -6.56 30.47
C ALA D 123 -4.81 -5.50 30.17
N LEU D 124 -5.19 -4.24 30.36
CA LEU D 124 -4.28 -3.12 30.11
C LEU D 124 -3.16 -3.14 31.14
N PRO D 125 -1.89 -3.19 30.72
CA PRO D 125 -0.78 -3.10 31.67
C PRO D 125 -0.86 -1.81 32.48
N LYS D 126 -0.57 -1.92 33.78
CA LYS D 126 -0.68 -0.75 34.65
C LYS D 126 0.30 0.34 34.25
N SER D 127 1.44 -0.04 33.65
CA SER D 127 2.39 0.97 33.18
C SER D 127 1.73 1.93 32.20
N ILE D 128 0.90 1.40 31.30
CA ILE D 128 0.25 2.25 30.31
C ILE D 128 -0.84 3.10 30.96
N VAL D 129 -1.58 2.53 31.92
CA VAL D 129 -2.65 3.28 32.58
C VAL D 129 -2.08 4.46 33.35
N ALA D 130 -0.99 4.24 34.08
CA ALA D 130 -0.39 5.32 34.86
C ALA D 130 0.27 6.33 33.94
N GLU D 131 0.91 5.87 32.87
CA GLU D 131 1.53 6.78 31.91
C GLU D 131 0.51 7.74 31.30
N PHE D 132 -0.73 7.28 31.13
CA PHE D 132 -1.79 8.10 30.54
C PHE D 132 -2.92 8.35 31.53
C1 EDO E . -4.58 -9.99 -22.61
O1 EDO E . -5.94 -10.37 -22.39
C2 EDO E . -4.37 -9.69 -24.09
O2 EDO E . -4.58 -10.90 -24.85
C1 EDO F . -2.03 -2.88 12.37
O1 EDO F . -3.02 -3.55 11.56
C2 EDO F . -2.05 -3.43 13.79
O2 EDO F . -2.28 -4.84 13.73
C1 EDO G . -16.90 5.24 -3.27
O1 EDO G . -17.15 3.87 -3.63
C2 EDO G . -15.43 5.57 -3.46
O2 EDO G . -14.63 4.95 -2.42
C2 HXC H . 23.74 -8.79 6.59
C4 HXC H . 23.62 -10.29 4.76
C5 HXC H . 22.60 -10.92 5.35
C6 HXC H . 22.13 -10.51 6.54
C8 HXC H . 23.00 -11.89 3.47
N9 HXC H . 23.88 -10.89 3.60
N7 HXC H . 22.22 -11.91 4.55
N3 HXC H . 24.21 -9.23 5.36
N1 HXC H . 22.67 -9.47 7.19
N6 HXC H . 21.10 -11.20 7.05
C1' HXC H . 24.91 -10.55 2.59
C2' HXC H . 25.74 -11.74 2.20
O2' HXC H . 26.62 -12.15 3.26
C3' HXC H . 26.51 -11.12 1.07
O3' HXC H . 27.39 -10.12 1.58
C4' HXC H . 25.36 -10.44 0.31
O4' HXC H . 24.32 -10.22 1.32
C5' HXC H . 24.80 -11.34 -0.81
O5' HXC H . 24.04 -12.42 -0.26
P1 HXC H . 24.09 -13.89 -0.94
O11 HXC H . 23.58 -13.68 -2.47
O12 HXC H . 25.43 -14.53 -0.89
O6 HXC H . 22.94 -14.81 -0.28
P2 HXC H . 22.87 -15.16 1.30
O21 HXC H . 22.88 -16.76 1.40
O22 HXC H . 23.98 -14.57 2.10
O7 HXC H . 21.37 -14.66 1.82
CPB HXC H . 20.25 -14.55 0.91
CPA HXC H . 18.93 -14.06 1.59
CP7 HXC H . 19.59 -12.74 1.97
CP9 HXC H . 19.05 -15.26 2.54
CP8 HXC H . 18.28 -14.21 0.21
OP3 HXC H . 20.17 -12.10 0.83
CP6 HXC H . 18.43 -11.87 2.46
OP2 HXC H . 17.89 -12.07 3.56
NP2 HXC H . 18.00 -10.97 1.57
CP5 HXC H . 16.88 -10.08 1.86
CP4 HXC H . 15.64 -10.68 1.19
CP3 HXC H . 14.47 -9.73 1.39
OP1 HXC H . 14.32 -9.18 2.49
NP1 HXC H . 13.68 -9.54 0.32
CP2 HXC H . 12.55 -8.59 0.39
CP1 HXC H . 11.37 -9.21 1.16
S HXC H . 10.73 -10.63 0.23
P3 HXC H . 28.82 -9.89 0.83
O31 HXC H . 29.34 -8.43 1.31
O32 HXC H . 28.46 -9.71 -0.74
O33 HXC H . 29.78 -10.98 1.08
CM1 HXC H . 8.89 -10.41 0.08
CM2 HXC H . 8.11 -11.72 -0.11
CM3 HXC H . 7.28 -12.03 1.13
OM2 HXC H . 8.28 -9.34 0.06
CM4 HXC H . 7.99 -11.50 2.39
CM5 HXC H . 7.66 -12.40 3.59
CM6 HXC H . 8.51 -13.68 3.52
C1 EDO I . 29.97 -5.27 2.19
O1 EDO I . 28.54 -5.11 2.26
C2 EDO I . 30.59 -3.97 1.68
O2 EDO I . 29.60 -3.22 0.94
C1 EDO J . 10.46 8.81 -10.45
O1 EDO J . 9.74 8.35 -9.30
C2 EDO J . 11.19 10.09 -10.12
O2 EDO J . 11.98 9.91 -8.94
C1 EDO K . -2.91 -0.43 16.28
O1 EDO K . -3.07 0.14 14.97
C2 EDO K . -3.21 0.60 17.35
O2 EDO K . -2.15 1.55 17.50
#